data_3QBZ
#
_entry.id   3QBZ
#
_cell.length_a   83.740
_cell.length_b   83.740
_cell.length_c   103.669
_cell.angle_alpha   90.00
_cell.angle_beta   90.00
_cell.angle_gamma   120.00
#
_symmetry.space_group_name_H-M   'P 64 2 2'
#
loop_
_entity.id
_entity.type
_entity.pdbx_description
1 polymer 'DDK kinase regulatory subunit DBF4'
2 non-polymer 'SULFATE ION'
3 water water
#
_entity_poly.entity_id   1
_entity_poly.type   'polypeptide(L)'
_entity_poly.pdbx_seq_one_letter_code
;GSHMQQQQHLHEKKRARIERARSIEGAVQVSKGTGLKNVEPRVTPKELLEWQTNWKKIMKRDSRIYFDITDDVEMNTYNK
SKMDKRRDLLKRGFLTLGAQITQFFDTTVTIVITRRSVENIYLLKDTDILSRAKKNYMKVWSYEKAARFLKNLDVDLDHL
;
_entity_poly.pdbx_strand_id   A
#
loop_
_chem_comp.id
_chem_comp.type
_chem_comp.name
_chem_comp.formula
SO4 non-polymer 'SULFATE ION' 'O4 S -2'
#
# COMPACT_ATOMS: atom_id res chain seq x y z
N LYS A 37 34.98 0.27 2.73
CA LYS A 37 36.25 0.55 3.43
C LYS A 37 36.29 0.02 4.88
N ASN A 38 35.14 -0.13 5.52
CA ASN A 38 35.20 -0.96 6.73
C ASN A 38 34.40 -2.25 6.52
N VAL A 39 34.76 -3.28 7.28
CA VAL A 39 34.51 -4.64 6.82
C VAL A 39 33.19 -5.21 7.33
N GLU A 40 32.71 -4.69 8.45
CA GLU A 40 31.40 -5.05 8.96
C GLU A 40 30.30 -4.14 8.39
N PRO A 41 29.25 -4.75 7.83
CA PRO A 41 28.10 -4.00 7.31
C PRO A 41 27.24 -3.49 8.44
N ARG A 42 26.42 -2.47 8.19
CA ARG A 42 25.56 -1.94 9.23
C ARG A 42 24.43 -2.91 9.48
N VAL A 43 23.74 -3.27 8.41
CA VAL A 43 22.76 -4.34 8.48
C VAL A 43 23.27 -5.53 7.67
N THR A 44 22.92 -6.73 8.10
CA THR A 44 23.43 -7.96 7.50
C THR A 44 22.41 -8.55 6.55
N PRO A 45 22.87 -9.33 5.57
CA PRO A 45 21.93 -10.05 4.70
C PRO A 45 20.84 -10.75 5.50
N LYS A 46 21.22 -11.55 6.50
CA LYS A 46 20.22 -12.24 7.29
C LYS A 46 19.35 -11.26 8.09
N GLU A 47 19.97 -10.26 8.71
CA GLU A 47 19.21 -9.23 9.43
C GLU A 47 18.13 -8.61 8.56
N LEU A 48 18.48 -8.28 7.32
CA LEU A 48 17.52 -7.74 6.38
C LEU A 48 16.46 -8.78 6.02
N LEU A 49 16.91 -9.99 5.71
CA LEU A 49 15.99 -11.07 5.37
C LEU A 49 14.99 -11.30 6.49
N GLU A 50 15.44 -11.06 7.72
CA GLU A 50 14.58 -11.20 8.89
C GLU A 50 13.44 -10.18 8.84
N TRP A 51 13.81 -8.91 8.68
CA TRP A 51 12.86 -7.82 8.55
C TRP A 51 11.81 -8.11 7.48
N GLN A 52 12.28 -8.55 6.33
CA GLN A 52 11.38 -8.87 5.22
C GLN A 52 10.41 -9.95 5.65
N THR A 53 10.97 -11.11 5.92
CA THR A 53 10.26 -12.31 6.31
C THR A 53 9.16 -12.06 7.34
N ASN A 54 9.40 -11.14 8.26
CA ASN A 54 8.39 -10.77 9.25
C ASN A 54 7.26 -9.97 8.62
N TRP A 55 7.60 -8.96 7.83
CA TRP A 55 6.58 -8.24 7.06
C TRP A 55 5.83 -9.19 6.13
N LYS A 56 6.57 -10.05 5.44
CA LYS A 56 5.97 -11.04 4.55
C LYS A 56 4.92 -11.91 5.24
N LYS A 57 5.13 -12.23 6.51
CA LYS A 57 4.15 -13.00 7.26
C LYS A 57 2.89 -12.18 7.45
N ILE A 58 3.02 -11.03 8.10
CA ILE A 58 1.93 -10.08 8.29
C ILE A 58 1.09 -9.95 7.02
N MET A 59 1.78 -9.93 5.88
CA MET A 59 1.07 -9.81 4.63
C MET A 59 0.24 -11.05 4.35
N LYS A 60 0.88 -12.22 4.40
CA LYS A 60 0.25 -13.49 4.05
C LYS A 60 -0.84 -13.88 5.03
N ARG A 61 -0.62 -13.61 6.30
CA ARG A 61 -1.52 -14.09 7.34
C ARG A 61 -2.62 -13.07 7.70
N ASP A 62 -2.30 -11.79 7.68
CA ASP A 62 -3.19 -10.79 8.28
C ASP A 62 -3.55 -9.59 7.44
N SER A 63 -3.06 -9.50 6.21
CA SER A 63 -3.26 -8.26 5.47
C SER A 63 -4.44 -8.25 4.50
N ARG A 64 -5.39 -7.39 4.81
CA ARG A 64 -6.56 -7.16 3.99
C ARG A 64 -6.45 -5.73 3.45
N ILE A 65 -6.31 -5.62 2.12
CA ILE A 65 -5.98 -4.35 1.48
C ILE A 65 -7.00 -3.75 0.50
N TYR A 66 -7.38 -2.50 0.74
CA TYR A 66 -8.33 -1.80 -0.12
C TYR A 66 -7.68 -0.70 -0.93
N PHE A 67 -7.91 -0.72 -2.24
CA PHE A 67 -7.46 0.35 -3.11
C PHE A 67 -8.56 1.38 -3.28
N ASP A 68 -8.27 2.58 -2.82
CA ASP A 68 -9.19 3.70 -2.90
C ASP A 68 -9.46 4.04 -4.36
N ILE A 69 -10.73 4.19 -4.70
CA ILE A 69 -11.08 4.42 -6.09
C ILE A 69 -11.51 5.85 -6.33
N THR A 70 -11.31 6.70 -5.34
CA THR A 70 -11.62 8.10 -5.46
C THR A 70 -10.36 8.89 -5.73
N ASP A 71 -10.44 9.80 -6.70
CA ASP A 71 -9.30 10.64 -7.06
C ASP A 71 -9.46 12.06 -6.54
N ASP A 72 -8.34 12.70 -6.22
CA ASP A 72 -8.36 14.08 -5.80
C ASP A 72 -7.86 15.03 -6.92
N VAL A 73 -7.77 14.51 -8.14
CA VAL A 73 -7.26 15.29 -9.26
C VAL A 73 -7.99 15.00 -10.57
N GLU A 74 -8.35 16.05 -11.30
CA GLU A 74 -9.03 15.84 -12.56
C GLU A 74 -8.02 15.64 -13.67
N MET A 75 -7.35 14.50 -13.64
CA MET A 75 -6.40 14.14 -14.68
C MET A 75 -7.09 13.93 -16.01
N ASN A 76 -6.33 14.06 -17.10
CA ASN A 76 -6.85 13.67 -18.41
C ASN A 76 -6.86 12.15 -18.52
N THR A 77 -7.71 11.63 -19.39
CA THR A 77 -7.84 10.18 -19.54
C THR A 77 -6.48 9.50 -19.53
N TYR A 78 -5.53 10.09 -20.23
CA TYR A 78 -4.23 9.46 -20.40
C TYR A 78 -3.54 9.15 -19.07
N ASN A 79 -3.54 10.14 -18.18
CA ASN A 79 -2.87 10.01 -16.92
C ASN A 79 -3.71 9.21 -15.93
N LYS A 80 -5.02 9.33 -16.07
CA LYS A 80 -5.93 8.51 -15.29
C LYS A 80 -5.67 7.05 -15.60
N SER A 81 -5.40 6.76 -16.87
CA SER A 81 -5.15 5.39 -17.30
C SER A 81 -3.75 4.91 -16.89
N LYS A 82 -2.84 5.85 -16.73
CA LYS A 82 -1.49 5.52 -16.33
C LYS A 82 -1.49 5.18 -14.85
N MET A 83 -2.26 5.95 -14.08
CA MET A 83 -2.44 5.70 -12.66
C MET A 83 -3.15 4.39 -12.43
N ASP A 84 -4.07 4.03 -13.31
CA ASP A 84 -4.80 2.78 -13.19
C ASP A 84 -3.87 1.58 -13.40
N LYS A 85 -2.98 1.67 -14.38
CA LYS A 85 -2.03 0.60 -14.65
C LYS A 85 -1.12 0.38 -13.44
N ARG A 86 -0.66 1.47 -12.83
CA ARG A 86 0.19 1.38 -11.64
C ARG A 86 -0.55 0.66 -10.52
N ARG A 87 -1.80 1.05 -10.31
CA ARG A 87 -2.66 0.41 -9.31
C ARG A 87 -2.71 -1.10 -9.50
N ASP A 88 -2.99 -1.52 -10.73
CA ASP A 88 -3.04 -2.94 -11.06
C ASP A 88 -1.72 -3.63 -10.74
N LEU A 89 -0.62 -3.00 -11.14
CA LEU A 89 0.72 -3.48 -10.85
C LEU A 89 0.92 -3.73 -9.35
N LEU A 90 0.56 -2.76 -8.52
CA LEU A 90 0.65 -2.93 -7.07
C LEU A 90 -0.20 -4.10 -6.60
N LYS A 91 -1.41 -4.22 -7.15
CA LYS A 91 -2.29 -5.33 -6.77
C LYS A 91 -1.58 -6.65 -7.00
N ARG A 92 -0.97 -6.80 -8.16
CA ARG A 92 -0.31 -8.05 -8.48
C ARG A 92 0.88 -8.25 -7.55
N GLY A 93 1.62 -7.16 -7.31
CA GLY A 93 2.70 -7.19 -6.36
C GLY A 93 2.27 -7.80 -5.03
N PHE A 94 1.26 -7.20 -4.42
CA PHE A 94 0.77 -7.66 -3.13
C PHE A 94 0.15 -9.05 -3.21
N LEU A 95 -0.57 -9.32 -4.28
CA LEU A 95 -1.06 -10.69 -4.47
C LEU A 95 0.10 -11.66 -4.32
N THR A 96 1.23 -11.32 -4.94
CA THR A 96 2.45 -12.13 -4.88
C THR A 96 2.89 -12.41 -3.44
N LEU A 97 2.42 -11.60 -2.51
CA LEU A 97 2.79 -11.75 -1.10
C LEU A 97 1.76 -12.51 -0.31
N GLY A 98 0.66 -12.85 -0.98
CA GLY A 98 -0.42 -13.59 -0.35
C GLY A 98 -1.36 -12.70 0.42
N ALA A 99 -1.39 -11.41 0.09
CA ALA A 99 -2.31 -10.50 0.73
C ALA A 99 -3.66 -10.60 0.04
N GLN A 100 -4.70 -10.20 0.76
CA GLN A 100 -6.04 -10.19 0.19
C GLN A 100 -6.38 -8.80 -0.30
N ILE A 101 -6.93 -8.72 -1.50
CA ILE A 101 -7.45 -7.46 -2.00
C ILE A 101 -8.95 -7.54 -2.05
N THR A 102 -9.61 -6.74 -1.23
CA THR A 102 -11.05 -6.70 -1.28
C THR A 102 -11.47 -5.59 -2.23
N GLN A 103 -12.50 -5.87 -3.01
CA GLN A 103 -13.08 -4.88 -3.90
C GLN A 103 -13.94 -3.96 -3.07
N PHE A 104 -14.10 -4.30 -1.80
CA PHE A 104 -15.14 -3.71 -0.97
C PHE A 104 -14.59 -3.23 0.34
N PHE A 105 -14.82 -1.96 0.67
CA PHE A 105 -14.28 -1.40 1.92
C PHE A 105 -15.16 -1.67 3.14
N ASP A 106 -14.55 -2.17 4.20
CA ASP A 106 -15.22 -2.30 5.51
C ASP A 106 -14.23 -2.28 6.67
N THR A 107 -14.71 -2.62 7.85
CA THR A 107 -13.88 -2.56 9.05
C THR A 107 -12.82 -3.66 9.13
N THR A 108 -12.93 -4.68 8.28
CA THR A 108 -11.92 -5.72 8.26
C THR A 108 -10.62 -5.31 7.58
N VAL A 109 -10.67 -4.23 6.81
CA VAL A 109 -9.48 -3.72 6.08
C VAL A 109 -8.32 -3.39 7.04
N THR A 110 -7.09 -3.48 6.56
CA THR A 110 -5.95 -3.21 7.41
C THR A 110 -5.06 -2.13 6.82
N ILE A 111 -5.03 -2.08 5.51
CA ILE A 111 -4.28 -1.07 4.80
C ILE A 111 -5.06 -0.58 3.62
N VAL A 112 -5.20 0.75 3.53
CA VAL A 112 -5.80 1.39 2.37
C VAL A 112 -4.70 2.03 1.54
N ILE A 113 -4.73 1.79 0.24
CA ILE A 113 -3.78 2.42 -0.66
C ILE A 113 -4.48 3.41 -1.59
N THR A 114 -4.00 4.65 -1.62
CA THR A 114 -4.73 5.74 -2.28
C THR A 114 -3.85 6.67 -3.12
N ARG A 115 -4.47 7.44 -3.99
CA ARG A 115 -3.76 8.44 -4.79
C ARG A 115 -4.03 9.84 -4.27
N ARG A 116 -4.91 9.96 -3.29
CA ARG A 116 -5.20 11.25 -2.73
C ARG A 116 -4.14 11.58 -1.68
N SER A 117 -4.24 12.75 -1.08
CA SER A 117 -3.31 13.18 -0.05
C SER A 117 -3.48 12.34 1.21
N VAL A 118 -2.40 12.15 1.95
CA VAL A 118 -2.47 11.38 3.19
C VAL A 118 -2.31 12.28 4.40
N GLU A 119 -1.94 13.53 4.13
CA GLU A 119 -1.62 14.45 5.20
C GLU A 119 -2.83 15.25 5.67
N ASN A 120 -3.88 15.25 4.85
CA ASN A 120 -5.04 16.08 5.14
C ASN A 120 -6.35 15.32 5.33
N ILE A 121 -6.30 14.12 5.91
CA ILE A 121 -7.53 13.35 6.01
C ILE A 121 -8.53 14.05 6.92
N TYR A 122 -8.01 14.79 7.90
CA TYR A 122 -8.88 15.48 8.86
C TYR A 122 -9.88 16.44 8.22
N LEU A 123 -9.59 16.93 7.02
CA LEU A 123 -10.47 17.88 6.34
C LEU A 123 -11.65 17.20 5.63
N LEU A 124 -11.67 15.87 5.62
CA LEU A 124 -12.63 15.12 4.85
C LEU A 124 -13.95 14.87 5.57
N LYS A 125 -14.94 14.32 4.87
CA LYS A 125 -16.19 13.88 5.50
C LYS A 125 -15.97 12.65 6.36
N ASP A 126 -16.58 12.63 7.55
CA ASP A 126 -16.56 11.45 8.39
CA ASP A 126 -16.58 11.43 8.40
C ASP A 126 -16.91 10.20 7.58
N THR A 127 -17.73 10.39 6.56
CA THR A 127 -18.24 9.33 5.70
C THR A 127 -17.18 8.64 4.83
N ASP A 128 -16.10 9.37 4.59
CA ASP A 128 -15.04 9.03 3.66
C ASP A 128 -14.18 7.89 4.14
N ILE A 129 -13.90 6.95 3.24
CA ILE A 129 -13.15 5.76 3.62
C ILE A 129 -11.76 6.07 4.19
N LEU A 130 -11.25 7.28 3.95
CA LEU A 130 -9.94 7.63 4.49
C LEU A 130 -10.11 8.11 5.91
N SER A 131 -11.22 8.80 6.14
CA SER A 131 -11.65 9.16 7.48
C SER A 131 -11.90 7.89 8.31
N ARG A 132 -12.81 7.06 7.82
CA ARG A 132 -13.11 5.77 8.43
C ARG A 132 -11.84 4.98 8.69
N ALA A 133 -10.95 4.91 7.70
CA ALA A 133 -9.71 4.17 7.88
C ALA A 133 -8.92 4.70 9.07
N LYS A 134 -8.92 6.01 9.22
CA LYS A 134 -8.21 6.66 10.31
C LYS A 134 -8.91 6.38 11.60
N LYS A 135 -10.24 6.37 11.55
CA LYS A 135 -11.06 6.13 12.74
C LYS A 135 -10.81 4.74 13.30
N ASN A 136 -10.50 3.80 12.41
CA ASN A 136 -10.32 2.41 12.81
C ASN A 136 -8.87 2.04 12.95
N TYR A 137 -8.02 3.05 12.89
CA TYR A 137 -6.58 2.88 13.10
C TYR A 137 -5.98 1.98 12.04
N MET A 138 -6.50 2.09 10.82
CA MET A 138 -5.96 1.39 9.66
C MET A 138 -4.74 2.11 9.09
N LYS A 139 -3.91 1.37 8.37
CA LYS A 139 -2.70 1.92 7.78
C LYS A 139 -2.99 2.51 6.41
N VAL A 140 -2.55 3.74 6.17
CA VAL A 140 -2.88 4.43 4.92
C VAL A 140 -1.65 4.81 4.11
N TRP A 141 -1.54 4.22 2.92
CA TRP A 141 -0.36 4.43 2.09
C TRP A 141 -0.61 5.13 0.74
N SER A 142 0.37 5.93 0.31
CA SER A 142 0.38 6.47 -1.03
C SER A 142 0.88 5.41 -2.00
N TYR A 143 0.71 5.65 -3.28
CA TYR A 143 1.21 4.72 -4.28
C TYR A 143 2.71 4.64 -4.20
N GLU A 144 3.32 5.75 -3.80
CA GLU A 144 4.74 5.84 -3.68
C GLU A 144 5.19 4.97 -2.52
N LYS A 145 4.49 5.10 -1.40
CA LYS A 145 4.85 4.33 -0.24
C LYS A 145 4.76 2.85 -0.56
N ALA A 146 3.63 2.45 -1.13
CA ALA A 146 3.41 1.06 -1.48
C ALA A 146 4.50 0.50 -2.37
N ALA A 147 4.90 1.26 -3.38
CA ALA A 147 5.95 0.82 -4.30
C ALA A 147 7.26 0.59 -3.56
N ARG A 148 7.61 1.52 -2.68
CA ARG A 148 8.82 1.43 -1.89
C ARG A 148 8.77 0.16 -1.08
N PHE A 149 7.65 -0.04 -0.41
CA PHE A 149 7.42 -1.21 0.41
C PHE A 149 7.70 -2.51 -0.35
N LEU A 150 7.13 -2.64 -1.53
CA LEU A 150 7.28 -3.85 -2.35
C LEU A 150 8.71 -4.09 -2.79
N LYS A 151 9.44 -3.00 -3.05
CA LYS A 151 10.80 -3.10 -3.54
C LYS A 151 11.70 -3.39 -2.36
N ASN A 152 11.28 -2.90 -1.19
CA ASN A 152 11.99 -3.20 0.02
C ASN A 152 11.83 -4.68 0.39
N LEU A 153 10.91 -5.36 -0.30
CA LEU A 153 10.72 -6.78 -0.11
C LEU A 153 11.10 -7.56 -1.36
N ASP A 154 11.88 -6.93 -2.23
CA ASP A 154 12.46 -7.62 -3.38
C ASP A 154 11.44 -8.17 -4.36
N VAL A 155 10.26 -7.55 -4.37
CA VAL A 155 9.25 -7.77 -5.40
C VAL A 155 9.56 -6.89 -6.59
N ASP A 156 9.90 -7.52 -7.71
CA ASP A 156 10.20 -6.76 -8.91
C ASP A 156 8.99 -6.69 -9.82
N LEU A 157 8.53 -5.47 -10.07
CA LEU A 157 7.29 -5.27 -10.79
C LEU A 157 7.55 -5.16 -12.30
N ASP A 158 8.65 -4.51 -12.67
CA ASP A 158 9.03 -4.36 -14.06
C ASP A 158 9.20 -5.74 -14.69
N HIS A 159 9.66 -6.65 -13.86
CA HIS A 159 9.90 -8.06 -14.28
C HIS A 159 10.90 -8.18 -15.46
S SO4 B . -17.04 2.47 10.79
O1 SO4 B . -17.44 3.87 10.66
O2 SO4 B . -15.58 2.41 10.76
O3 SO4 B . -17.50 1.97 12.09
O4 SO4 B . -17.58 1.65 9.71
S SO4 C . -20.66 16.54 5.29
O1 SO4 C . -22.07 16.74 4.99
O2 SO4 C . -19.87 16.91 4.11
O3 SO4 C . -20.26 17.37 6.42
O4 SO4 C . -20.39 15.14 5.60
S SO4 D . 37.19 -3.41 10.26
O1 SO4 D . 36.61 -2.60 9.20
O2 SO4 D . 38.16 -4.34 9.67
O3 SO4 D . 37.86 -2.55 11.24
O4 SO4 D . 36.13 -4.15 10.95
#